data_4FAF
#
_entry.id   4FAF
#
_cell.length_a   28.769
_cell.length_b   65.393
_cell.length_c   92.820
_cell.angle_alpha   90.00
_cell.angle_beta   90.00
_cell.angle_gamma   90.00
#
_symmetry.space_group_name_H-M   'P 21 21 21'
#
loop_
_entity.id
_entity.type
_entity.pdbx_description
1 polymer 'HIV-1 protease'
2 polymer 'substrate CA/p2 peptide'
3 water water
#
loop_
_entity_poly.entity_id
_entity_poly.type
_entity_poly.pdbx_seq_one_letter_code
_entity_poly.pdbx_strand_id
1 'polypeptide(L)'
;PQITLWQRPIVTIKIGGQLKEALLNTGADDTVLEEVNLPGRWKPKLIGGIGGFVKVRQYDQVPIEICGHKVIGTVLVGPT
PTNVIGRNLMTQIGCTLNF
;
A,B
2 'polypeptide(L)' RVLFEAM D
#
# COMPACT_ATOMS: atom_id res chain seq x y z
N PRO A 1 -13.35 -10.96 7.24
CA PRO A 1 -12.32 -11.96 7.49
C PRO A 1 -11.22 -11.39 8.38
N GLN A 2 -10.24 -12.23 8.73
CA GLN A 2 -8.97 -11.70 9.21
C GLN A 2 -7.87 -12.10 8.25
N ILE A 3 -7.18 -11.11 7.70
CA ILE A 3 -6.16 -11.38 6.68
C ILE A 3 -4.75 -11.05 7.18
N THR A 4 -3.95 -12.11 7.35
CA THR A 4 -2.52 -11.98 7.61
C THR A 4 -1.78 -11.54 6.35
N LEU A 5 -0.53 -11.13 6.50
CA LEU A 5 0.15 -10.37 5.46
C LEU A 5 1.36 -11.12 4.89
N TRP A 6 1.38 -12.43 5.09
CA TRP A 6 2.47 -13.26 4.57
C TRP A 6 2.49 -13.30 3.04
N GLN A 7 1.37 -13.08 2.40
CA GLN A 7 1.24 -12.87 0.99
C GLN A 7 0.45 -11.58 0.71
N ARG A 8 0.34 -11.15 -0.54
CA ARG A 8 -0.44 -9.96 -0.87
C ARG A 8 -1.92 -10.16 -0.59
N PRO A 9 -2.54 -9.15 0.07
CA PRO A 9 -3.96 -9.20 0.46
C PRO A 9 -4.90 -8.97 -0.73
N ILE A 10 -5.01 -9.99 -1.56
CA ILE A 10 -5.81 -9.92 -2.76
C ILE A 10 -7.21 -10.46 -2.47
N VAL A 11 -8.24 -9.69 -2.83
CA VAL A 11 -9.62 -10.14 -2.67
C VAL A 11 -10.38 -10.06 -3.98
N THR A 12 -11.49 -10.79 -4.03
CA THR A 12 -12.41 -10.79 -5.13
CA THR A 12 -12.41 -10.73 -5.16
C THR A 12 -13.21 -9.43 -5.12
N ILE A 13 -13.39 -8.80 -6.27
CA ILE A 13 -14.31 -7.70 -6.38
C ILE A 13 -15.27 -7.89 -7.54
N LYS A 14 -16.39 -7.16 -7.47
CA LYS A 14 -17.34 -7.16 -8.58
C LYS A 14 -17.66 -5.73 -8.96
N ILE A 15 -17.49 -5.42 -10.23
CA ILE A 15 -17.70 -4.07 -10.72
C ILE A 15 -18.07 -4.15 -12.18
N GLY A 16 -19.03 -3.30 -12.59
CA GLY A 16 -19.60 -3.38 -13.92
C GLY A 16 -20.05 -4.81 -14.26
N GLY A 17 -20.40 -5.58 -13.25
CA GLY A 17 -20.93 -6.93 -13.44
C GLY A 17 -19.89 -7.98 -13.77
N GLN A 18 -18.62 -7.69 -13.48
CA GLN A 18 -17.55 -8.65 -13.72
C GLN A 18 -16.80 -8.96 -12.44
N LEU A 19 -16.46 -10.24 -12.26
CA LEU A 19 -15.59 -10.66 -11.17
C LEU A 19 -14.13 -10.33 -11.50
N LYS A 20 -13.48 -9.57 -10.61
CA LYS A 20 -12.04 -9.30 -10.69
C LYS A 20 -11.38 -9.61 -9.34
N GLU A 21 -10.06 -9.54 -9.32
CA GLU A 21 -9.27 -9.56 -8.08
C GLU A 21 -8.56 -8.23 -7.92
N ALA A 22 -8.33 -7.83 -6.68
CA ALA A 22 -7.64 -6.57 -6.43
C ALA A 22 -6.92 -6.56 -5.09
N LEU A 23 -5.85 -5.79 -5.02
CA LEU A 23 -5.03 -5.72 -3.83
C LEU A 23 -5.57 -4.72 -2.80
N LEU A 24 -5.81 -5.20 -1.58
CA LEU A 24 -6.14 -4.33 -0.46
C LEU A 24 -4.93 -3.45 -0.10
N ASN A 25 -5.01 -2.16 -0.43
CA ASN A 25 -3.82 -1.32 -0.35
C ASN A 25 -3.97 -0.14 0.62
N THR A 26 -3.51 -0.33 1.85
CA THR A 26 -3.72 0.72 2.86
C THR A 26 -2.82 1.93 2.59
N GLY A 27 -1.85 1.74 1.70
CA GLY A 27 -1.00 2.84 1.23
C GLY A 27 -1.49 3.54 -0.02
N ALA A 28 -2.73 3.26 -0.43
CA ALA A 28 -3.38 3.96 -1.53
C ALA A 28 -4.55 4.80 -1.02
N ASP A 29 -4.51 6.10 -1.28
CA ASP A 29 -5.64 6.96 -0.96
C ASP A 29 -6.88 6.58 -1.79
N ASP A 30 -6.62 6.08 -3.00
CA ASP A 30 -7.63 5.91 -4.03
C ASP A 30 -7.65 4.48 -4.55
N THR A 31 -8.71 4.13 -5.27
CA THR A 31 -8.86 2.80 -5.85
C THR A 31 -8.59 2.86 -7.36
N VAL A 32 -7.66 2.04 -7.85
CA VAL A 32 -7.36 2.04 -9.30
C VAL A 32 -7.34 0.67 -9.95
N LEU A 33 -8.04 0.55 -11.07
CA LEU A 33 -8.21 -0.72 -11.78
C LEU A 33 -7.68 -0.54 -13.20
N GLU A 34 -7.20 -1.62 -13.82
CA GLU A 34 -6.64 -1.50 -15.15
C GLU A 34 -7.69 -1.42 -16.26
N GLU A 35 -8.83 -2.06 -16.06
CA GLU A 35 -9.91 -2.04 -17.06
C GLU A 35 -11.25 -2.34 -16.42
N VAL A 36 -12.29 -1.71 -16.95
CA VAL A 36 -13.63 -1.86 -16.40
C VAL A 36 -14.62 -1.46 -17.48
N ASN A 37 -15.82 -2.01 -17.42
CA ASN A 37 -16.94 -1.45 -18.15
C ASN A 37 -17.85 -0.67 -17.21
N LEU A 38 -17.73 0.65 -17.25
CA LEU A 38 -18.61 1.55 -16.50
C LEU A 38 -19.36 2.49 -17.42
N PRO A 39 -20.59 2.84 -17.04
CA PRO A 39 -21.38 3.78 -17.79
C PRO A 39 -21.15 5.21 -17.28
N GLY A 40 -21.57 6.19 -18.07
CA GLY A 40 -21.58 7.56 -17.61
C GLY A 40 -20.23 8.22 -17.73
N ARG A 41 -20.15 9.45 -17.22
CA ARG A 41 -19.03 10.33 -17.48
C ARG A 41 -17.86 10.06 -16.55
N TRP A 42 -16.65 10.28 -17.06
CA TRP A 42 -15.46 10.28 -16.26
C TRP A 42 -14.78 11.63 -16.35
N LYS A 43 -13.90 11.94 -15.40
CA LYS A 43 -13.02 13.08 -15.56
C LYS A 43 -11.54 12.68 -15.44
N PRO A 44 -10.67 13.34 -16.22
CA PRO A 44 -9.25 12.98 -16.16
C PRO A 44 -8.62 13.29 -14.80
N LYS A 45 -7.63 12.49 -14.40
CA LYS A 45 -6.96 12.65 -13.11
C LYS A 45 -5.53 12.10 -13.21
N LEU A 46 -4.63 12.64 -12.41
CA LEU A 46 -3.25 12.12 -12.30
C LEU A 46 -3.08 11.53 -10.92
N ILE A 47 -2.50 10.35 -10.83
CA ILE A 47 -2.15 9.81 -9.53
C ILE A 47 -0.65 9.51 -9.44
N GLY A 48 -0.10 9.73 -8.26
CA GLY A 48 1.30 9.51 -8.00
C GLY A 48 1.56 8.27 -7.17
N GLY A 49 2.71 7.64 -7.42
CA GLY A 49 3.23 6.57 -6.57
C GLY A 49 4.72 6.50 -6.67
N ILE A 50 5.30 5.41 -6.17
CA ILE A 50 6.69 5.06 -6.49
C ILE A 50 6.86 4.99 -8.00
N GLY A 51 7.84 5.72 -8.52
CA GLY A 51 8.23 5.55 -9.91
C GLY A 51 7.47 6.43 -10.89
N GLY A 52 6.71 7.39 -10.36
CA GLY A 52 6.11 8.42 -11.20
C GLY A 52 4.60 8.53 -11.06
N PHE A 53 3.99 9.17 -12.06
CA PHE A 53 2.55 9.40 -12.08
C PHE A 53 1.85 8.51 -13.11
N VAL A 54 0.56 8.26 -12.90
CA VAL A 54 -0.28 7.57 -13.88
C VAL A 54 -1.47 8.45 -14.28
N LYS A 55 -1.80 8.47 -15.56
CA LYS A 55 -3.03 9.12 -16.01
C LYS A 55 -4.20 8.14 -15.92
N VAL A 56 -5.30 8.58 -15.31
CA VAL A 56 -6.46 7.71 -15.13
C VAL A 56 -7.79 8.40 -15.46
N ARG A 57 -8.85 7.59 -15.65
CA ARG A 57 -10.21 8.11 -15.74
C ARG A 57 -10.92 7.93 -14.40
N GLN A 58 -11.43 9.02 -13.86
CA GLN A 58 -12.16 8.99 -12.61
C GLN A 58 -13.65 8.76 -12.84
N TYR A 59 -14.18 7.74 -12.19
CA TYR A 59 -15.63 7.52 -12.14
C TYR A 59 -16.11 7.65 -10.69
N ASP A 60 -17.20 8.39 -10.51
CA ASP A 60 -17.72 8.66 -9.17
C ASP A 60 -18.94 7.80 -8.86
N GLN A 61 -19.21 7.62 -7.58
CA GLN A 61 -20.36 6.86 -7.10
C GLN A 61 -20.59 5.57 -7.90
N VAL A 62 -19.54 4.76 -8.03
CA VAL A 62 -19.64 3.50 -8.75
C VAL A 62 -19.96 2.38 -7.76
N PRO A 63 -21.01 1.58 -8.04
CA PRO A 63 -21.23 0.43 -7.16
C PRO A 63 -20.14 -0.64 -7.33
N ILE A 64 -19.54 -1.06 -6.22
CA ILE A 64 -18.54 -2.14 -6.22
C ILE A 64 -18.89 -3.12 -5.12
N GLU A 65 -18.57 -4.40 -5.33
CA GLU A 65 -18.63 -5.35 -4.24
C GLU A 65 -17.25 -5.93 -3.91
N ILE A 66 -16.86 -5.80 -2.65
CA ILE A 66 -15.56 -6.26 -2.19
C ILE A 66 -15.78 -7.41 -1.20
N CYS A 67 -15.37 -8.61 -1.60
CA CYS A 67 -15.69 -9.82 -0.83
C CYS A 67 -17.18 -9.96 -0.53
N GLY A 68 -18.02 -9.53 -1.45
CA GLY A 68 -19.48 -9.67 -1.27
C GLY A 68 -20.13 -8.46 -0.66
N HIS A 69 -19.33 -7.56 -0.09
CA HIS A 69 -19.85 -6.37 0.56
C HIS A 69 -20.04 -5.27 -0.45
N LYS A 70 -21.25 -4.75 -0.51
CA LYS A 70 -21.61 -3.75 -1.51
C LYS A 70 -21.28 -2.36 -0.99
N VAL A 71 -20.62 -1.60 -1.83
CA VAL A 71 -20.01 -0.33 -1.49
C VAL A 71 -20.23 0.58 -2.70
N ILE A 72 -20.26 1.89 -2.47
CA ILE A 72 -20.38 2.85 -3.58
C ILE A 72 -19.25 3.84 -3.40
N GLY A 73 -18.49 4.09 -4.46
CA GLY A 73 -17.44 5.07 -4.36
C GLY A 73 -16.74 5.35 -5.65
N THR A 74 -15.71 6.18 -5.56
CA THR A 74 -14.94 6.61 -6.71
C THR A 74 -14.00 5.51 -7.17
N VAL A 75 -14.05 5.20 -8.46
CA VAL A 75 -13.09 4.28 -9.05
C VAL A 75 -12.25 4.96 -10.16
N LEU A 76 -10.92 4.77 -10.09
CA LEU A 76 -10.03 5.24 -11.14
C LEU A 76 -9.59 4.10 -12.06
N VAL A 77 -9.57 4.38 -13.35
CA VAL A 77 -9.20 3.37 -14.34
C VAL A 77 -8.05 3.89 -15.19
N GLY A 78 -6.99 3.10 -15.29
CA GLY A 78 -5.85 3.44 -16.16
C GLY A 78 -4.82 2.33 -16.12
N PRO A 79 -3.65 2.56 -16.74
CA PRO A 79 -2.67 1.49 -16.94
C PRO A 79 -1.82 1.21 -15.69
N THR A 80 -2.49 0.87 -14.60
CA THR A 80 -1.80 0.38 -13.41
C THR A 80 -1.24 -1.01 -13.65
N PRO A 81 -0.12 -1.34 -12.99
CA PRO A 81 0.42 -2.70 -13.04
C PRO A 81 -0.44 -3.72 -12.28
N THR A 82 -1.27 -3.26 -11.34
CA THR A 82 -2.15 -4.18 -10.60
C THR A 82 -3.40 -3.47 -10.09
N ASN A 83 -4.52 -4.18 -10.11
CA ASN A 83 -5.75 -3.69 -9.47
C ASN A 83 -5.52 -3.44 -7.99
N VAL A 84 -5.90 -2.25 -7.56
CA VAL A 84 -5.66 -1.78 -6.20
C VAL A 84 -6.96 -1.25 -5.60
N ILE A 85 -7.33 -1.75 -4.43
CA ILE A 85 -8.39 -1.15 -3.62
C ILE A 85 -7.77 -0.21 -2.60
N GLY A 86 -8.17 1.06 -2.64
CA GLY A 86 -7.63 2.05 -1.72
C GLY A 86 -8.48 2.30 -0.47
N ARG A 87 -8.01 3.20 0.39
CA ARG A 87 -8.73 3.53 1.62
C ARG A 87 -10.15 4.05 1.37
N ASN A 88 -10.35 4.73 0.23
CA ASN A 88 -11.66 5.29 -0.05
C ASN A 88 -12.78 4.25 -0.01
N LEU A 89 -12.46 3.00 -0.34
CA LEU A 89 -13.44 1.93 -0.28
C LEU A 89 -13.29 1.04 0.94
N MET A 90 -12.07 0.92 1.47
CA MET A 90 -11.83 0.03 2.59
CA MET A 90 -11.83 0.03 2.59
C MET A 90 -12.52 0.55 3.84
N THR A 91 -12.63 1.87 3.95
CA THR A 91 -13.40 2.46 5.04
C THR A 91 -14.87 2.10 4.95
N GLN A 92 -15.39 1.98 3.73
CA GLN A 92 -16.81 1.66 3.52
C GLN A 92 -17.19 0.28 4.06
N ILE A 93 -16.24 -0.65 4.06
CA ILE A 93 -16.50 -2.01 4.53
C ILE A 93 -15.99 -2.23 5.95
N GLY A 94 -15.43 -1.18 6.54
CA GLY A 94 -15.03 -1.25 7.95
C GLY A 94 -13.71 -1.98 8.13
N CYS A 95 -12.88 -1.96 7.09
CA CYS A 95 -11.57 -2.57 7.17
CA CYS A 95 -11.54 -2.55 7.12
C CYS A 95 -10.67 -1.81 8.14
N THR A 96 -9.98 -2.55 8.99
CA THR A 96 -9.03 -1.94 9.91
C THR A 96 -7.75 -2.76 10.02
N LEU A 97 -6.67 -2.09 10.40
CA LEU A 97 -5.40 -2.75 10.72
C LEU A 97 -5.34 -3.04 12.21
N ASN A 98 -4.93 -4.26 12.55
CA ASN A 98 -5.05 -4.77 13.91
C ASN A 98 -3.76 -5.43 14.37
N PHE A 99 -3.22 -4.96 15.49
CA PHE A 99 -2.07 -5.61 16.11
C PHE A 99 -1.93 -5.31 17.60
N PRO B 1 -3.44 -2.30 18.76
CA PRO B 1 -4.51 -1.34 18.48
C PRO B 1 -5.30 -1.67 17.21
N GLN B 2 -6.42 -0.98 17.02
CA GLN B 2 -7.30 -1.19 15.87
C GLN B 2 -7.40 0.14 15.11
N ILE B 3 -6.93 0.14 13.88
CA ILE B 3 -6.65 1.37 13.17
C ILE B 3 -7.58 1.48 11.97
N THR B 4 -8.43 2.50 11.97
CA THR B 4 -9.34 2.75 10.86
C THR B 4 -8.57 3.46 9.75
N LEU B 5 -9.21 3.66 8.61
CA LEU B 5 -8.50 4.05 7.40
C LEU B 5 -9.05 5.34 6.80
N TRP B 6 -9.78 6.08 7.62
CA TRP B 6 -10.30 7.38 7.23
C TRP B 6 -9.16 8.37 6.94
N GLN B 7 -8.03 8.19 7.58
CA GLN B 7 -6.80 8.90 7.30
C GLN B 7 -5.64 7.92 7.02
N ARG B 8 -4.55 8.41 6.47
CA ARG B 8 -3.37 7.55 6.29
C ARG B 8 -2.95 6.91 7.62
N PRO B 9 -2.78 5.58 7.65
CA PRO B 9 -2.41 4.90 8.90
C PRO B 9 -0.92 5.06 9.17
N ILE B 10 -0.53 6.20 9.70
CA ILE B 10 0.86 6.48 9.95
C ILE B 10 1.18 6.20 11.39
N VAL B 11 2.30 5.53 11.64
CA VAL B 11 2.73 5.19 12.99
C VAL B 11 4.16 5.63 13.20
N THR B 12 4.57 5.66 14.45
CA THR B 12 5.90 6.03 14.85
C THR B 12 6.84 4.86 14.63
N ILE B 13 8.00 5.12 14.02
CA ILE B 13 9.04 4.10 13.97
C ILE B 13 10.33 4.62 14.59
N LYS B 14 11.17 3.71 15.05
CA LYS B 14 12.48 4.10 15.55
C LYS B 14 13.56 3.33 14.81
N ILE B 15 14.54 4.05 14.27
CA ILE B 15 15.55 3.40 13.45
C ILE B 15 16.86 4.16 13.46
N GLY B 16 17.96 3.43 13.68
CA GLY B 16 19.25 4.04 14.00
C GLY B 16 19.19 5.07 15.12
N GLY B 17 18.28 4.88 16.06
CA GLY B 17 18.14 5.81 17.18
C GLY B 17 17.26 7.04 16.94
N GLN B 18 16.69 7.15 15.73
CA GLN B 18 15.91 8.33 15.36
C GLN B 18 14.43 7.99 15.26
N LEU B 19 13.60 8.84 15.85
CA LEU B 19 12.17 8.81 15.60
C LEU B 19 11.85 9.26 14.18
N LYS B 20 11.14 8.41 13.45
CA LYS B 20 10.57 8.81 12.17
C LYS B 20 9.10 8.40 12.19
N GLU B 21 8.34 8.76 11.15
CA GLU B 21 7.03 8.15 10.98
C GLU B 21 6.84 7.51 9.61
N ALA B 22 5.98 6.51 9.55
CA ALA B 22 5.82 5.76 8.32
C ALA B 22 4.41 5.21 8.19
N LEU B 23 4.00 4.99 6.96
CA LEU B 23 2.66 4.55 6.64
C LEU B 23 2.57 3.01 6.60
N LEU B 24 1.70 2.43 7.41
CA LEU B 24 1.49 0.98 7.38
C LEU B 24 0.87 0.61 6.05
N ASN B 25 1.64 -0.02 5.15
CA ASN B 25 1.23 -0.14 3.75
C ASN B 25 1.08 -1.60 3.29
N THR B 26 -0.14 -2.12 3.33
CA THR B 26 -0.42 -3.50 2.92
C THR B 26 -0.23 -3.74 1.41
N GLY B 27 -0.09 -2.66 0.65
CA GLY B 27 0.18 -2.76 -0.78
C GLY B 27 1.67 -2.73 -1.13
N ALA B 28 2.51 -2.76 -0.10
CA ALA B 28 3.96 -2.84 -0.30
C ALA B 28 4.53 -4.16 0.25
N ASP B 29 5.18 -4.94 -0.61
CA ASP B 29 5.98 -6.09 -0.18
C ASP B 29 7.03 -5.65 0.85
N ASP B 30 7.62 -4.47 0.63
CA ASP B 30 8.85 -4.12 1.32
C ASP B 30 8.67 -2.85 2.13
N THR B 31 9.62 -2.61 3.05
CA THR B 31 9.68 -1.34 3.79
C THR B 31 10.63 -0.37 3.10
N VAL B 32 10.16 0.84 2.83
CA VAL B 32 10.97 1.86 2.13
C VAL B 32 10.98 3.19 2.88
N LEU B 33 12.16 3.66 3.24
CA LEU B 33 12.32 4.96 3.88
C LEU B 33 13.15 5.88 2.99
N GLU B 34 12.93 7.18 3.09
CA GLU B 34 13.62 8.14 2.24
C GLU B 34 15.09 8.31 2.64
N GLU B 35 15.35 8.25 3.95
CA GLU B 35 16.63 8.67 4.49
C GLU B 35 16.81 8.06 5.87
N VAL B 36 17.91 7.34 6.08
CA VAL B 36 18.26 6.76 7.38
C VAL B 36 19.67 7.16 7.79
N ASN B 37 20.03 6.90 9.05
CA ASN B 37 21.40 7.15 9.51
C ASN B 37 22.28 5.90 9.57
N LEU B 38 21.78 4.79 9.02
CA LEU B 38 22.54 3.54 8.98
CA LEU B 38 22.54 3.53 8.97
C LEU B 38 23.88 3.71 8.26
N PRO B 39 24.99 3.36 8.94
CA PRO B 39 26.28 3.83 8.43
C PRO B 39 27.04 2.86 7.53
N GLY B 40 26.48 1.68 7.29
CA GLY B 40 27.28 0.61 6.72
C GLY B 40 26.99 0.28 5.27
N ARG B 41 27.28 -0.97 4.93
CA ARG B 41 27.14 -1.50 3.58
CA ARG B 41 27.13 -1.47 3.56
C ARG B 41 25.67 -1.66 3.21
N TRP B 42 25.35 -1.43 1.93
CA TRP B 42 24.04 -1.77 1.39
C TRP B 42 24.20 -2.37 -0.01
N LYS B 43 23.18 -3.10 -0.46
CA LYS B 43 23.20 -3.69 -1.80
CA LYS B 43 23.20 -3.69 -1.79
C LYS B 43 22.18 -2.99 -2.70
N PRO B 44 22.62 -2.59 -3.91
CA PRO B 44 21.71 -1.94 -4.85
C PRO B 44 20.60 -2.90 -5.28
N LYS B 45 19.36 -2.44 -5.18
CA LYS B 45 18.22 -3.23 -5.63
C LYS B 45 17.27 -2.31 -6.33
N LEU B 46 16.27 -2.90 -6.97
CA LEU B 46 15.21 -2.13 -7.60
CA LEU B 46 15.21 -2.09 -7.53
C LEU B 46 13.82 -2.56 -7.17
N ILE B 47 12.95 -1.59 -6.96
CA ILE B 47 11.55 -1.87 -6.67
C ILE B 47 10.70 -1.18 -7.74
N GLY B 48 9.46 -1.63 -7.87
CA GLY B 48 8.51 -1.01 -8.81
C GLY B 48 7.30 -0.49 -8.08
N GLY B 49 6.77 0.63 -8.54
CA GLY B 49 5.46 1.14 -8.10
C GLY B 49 4.51 1.30 -9.28
N ILE B 50 3.46 2.11 -9.11
CA ILE B 50 2.52 2.31 -10.21
C ILE B 50 3.19 2.94 -11.43
N GLY B 51 4.20 3.78 -11.20
CA GLY B 51 4.73 4.62 -12.28
C GLY B 51 5.87 3.97 -13.03
N GLY B 52 6.46 2.94 -12.43
CA GLY B 52 7.69 2.36 -12.97
C GLY B 52 8.64 1.92 -11.88
N PHE B 53 9.92 1.83 -12.22
CA PHE B 53 10.91 1.16 -11.38
C PHE B 53 11.97 2.16 -10.93
N VAL B 54 12.43 2.03 -9.69
CA VAL B 54 13.43 2.93 -9.13
C VAL B 54 14.54 2.20 -8.38
N LYS B 55 15.71 2.81 -8.29
CA LYS B 55 16.85 2.21 -7.60
C LYS B 55 16.68 2.42 -6.12
N VAL B 56 16.94 1.40 -5.31
CA VAL B 56 16.99 1.56 -3.86
C VAL B 56 18.28 1.03 -3.27
N ARG B 57 18.55 1.39 -2.02
CA ARG B 57 19.65 0.79 -1.26
C ARG B 57 19.05 -0.21 -0.29
N GLN B 58 19.53 -1.45 -0.33
CA GLN B 58 19.02 -2.45 0.60
C GLN B 58 19.92 -2.66 1.81
N TYR B 59 19.34 -2.44 2.99
CA TYR B 59 20.00 -2.68 4.26
C TYR B 59 19.39 -3.90 4.93
N ASP B 60 20.24 -4.80 5.42
CA ASP B 60 19.77 -6.07 5.93
C ASP B 60 19.94 -6.12 7.45
N GLN B 61 19.10 -6.92 8.09
CA GLN B 61 19.20 -7.16 9.54
C GLN B 61 19.15 -5.89 10.36
N VAL B 62 18.24 -4.99 9.99
CA VAL B 62 18.07 -3.72 10.69
C VAL B 62 17.16 -3.86 11.92
N PRO B 63 17.68 -3.54 13.12
CA PRO B 63 16.77 -3.35 14.23
C PRO B 63 15.88 -2.13 13.99
N ILE B 64 14.57 -2.33 14.09
CA ILE B 64 13.64 -1.24 13.88
C ILE B 64 12.45 -1.42 14.81
N GLU B 65 11.98 -0.32 15.38
CA GLU B 65 10.86 -0.37 16.30
C GLU B 65 9.64 0.24 15.63
N ILE B 66 8.57 -0.55 15.51
CA ILE B 66 7.32 -0.02 14.99
C ILE B 66 6.29 0.07 16.08
N CYS B 67 5.85 1.29 16.39
CA CYS B 67 4.73 1.46 17.27
C CYS B 67 5.04 0.69 18.55
N GLY B 68 6.30 0.72 18.97
CA GLY B 68 6.73 0.11 20.22
C GLY B 68 6.90 -1.40 20.17
N HIS B 69 6.94 -1.94 18.96
CA HIS B 69 7.29 -3.34 18.77
C HIS B 69 8.66 -3.39 18.11
N LYS B 70 9.59 -4.10 18.75
CA LYS B 70 10.95 -4.21 18.24
C LYS B 70 11.08 -5.38 17.29
N VAL B 71 11.52 -5.10 16.06
CA VAL B 71 11.71 -6.14 15.05
C VAL B 71 13.08 -6.03 14.38
N ILE B 72 13.44 -7.06 13.63
CA ILE B 72 14.63 -7.06 12.77
C ILE B 72 14.21 -7.45 11.37
N GLY B 73 14.59 -6.64 10.41
CA GLY B 73 14.33 -6.99 9.04
C GLY B 73 15.03 -6.10 8.05
N THR B 74 14.63 -6.26 6.80
CA THR B 74 15.23 -5.57 5.68
C THR B 74 14.56 -4.20 5.52
N VAL B 75 15.38 -3.17 5.44
CA VAL B 75 14.88 -1.82 5.22
C VAL B 75 15.44 -1.29 3.90
N LEU B 76 14.56 -0.81 3.03
CA LEU B 76 15.01 -0.20 1.79
C LEU B 76 15.04 1.31 1.91
N VAL B 77 16.05 1.93 1.31
CA VAL B 77 16.10 3.39 1.23
C VAL B 77 15.99 3.80 -0.23
N GLY B 78 14.96 4.56 -0.56
CA GLY B 78 14.67 4.89 -1.94
C GLY B 78 13.77 6.10 -2.08
N PRO B 79 13.50 6.51 -3.32
CA PRO B 79 12.70 7.70 -3.56
C PRO B 79 11.20 7.41 -3.44
N THR B 80 10.75 7.14 -2.22
CA THR B 80 9.33 6.99 -1.95
C THR B 80 8.78 8.33 -1.46
N PRO B 81 7.56 8.68 -1.89
CA PRO B 81 6.88 9.93 -1.53
C PRO B 81 6.65 10.09 -0.03
N THR B 82 6.55 8.97 0.68
CA THR B 82 6.36 8.94 2.12
C THR B 82 6.94 7.60 2.63
N ASN B 83 7.53 7.60 3.82
CA ASN B 83 8.02 6.39 4.42
C ASN B 83 6.88 5.35 4.53
N VAL B 84 7.13 4.13 4.05
CA VAL B 84 6.14 3.06 4.13
C VAL B 84 6.71 1.85 4.85
N ILE B 85 5.93 1.27 5.77
CA ILE B 85 6.21 -0.06 6.31
C ILE B 85 5.47 -1.12 5.48
N GLY B 86 6.24 -2.08 4.96
CA GLY B 86 5.70 -3.14 4.13
C GLY B 86 5.25 -4.35 4.91
N ARG B 87 4.80 -5.37 4.17
CA ARG B 87 4.37 -6.66 4.74
C ARG B 87 5.51 -7.40 5.41
N ASN B 88 6.74 -7.14 4.97
CA ASN B 88 7.91 -7.79 5.56
C ASN B 88 8.05 -7.50 7.05
N LEU B 89 7.71 -6.27 7.46
CA LEU B 89 7.75 -5.91 8.87
C LEU B 89 6.41 -6.05 9.56
N MET B 90 5.33 -5.73 8.85
CA MET B 90 4.01 -5.84 9.46
C MET B 90 3.69 -7.27 9.90
N THR B 91 4.17 -8.27 9.16
CA THR B 91 3.92 -9.66 9.56
C THR B 91 4.57 -9.97 10.90
N GLN B 92 5.68 -9.30 11.18
CA GLN B 92 6.49 -9.56 12.35
C GLN B 92 5.90 -8.95 13.62
N ILE B 93 5.09 -7.92 13.46
CA ILE B 93 4.34 -7.39 14.60
C ILE B 93 2.93 -7.95 14.69
N GLY B 94 2.64 -8.96 13.86
CA GLY B 94 1.36 -9.63 13.91
C GLY B 94 0.21 -8.79 13.38
N CYS B 95 0.50 -7.91 12.43
CA CYS B 95 -0.51 -7.00 11.91
C CYS B 95 -1.40 -7.70 10.88
N THR B 96 -2.71 -7.56 11.04
CA THR B 96 -3.65 -8.14 10.10
C THR B 96 -4.65 -7.11 9.60
N LEU B 97 -5.19 -7.36 8.42
CA LEU B 97 -6.37 -6.63 7.93
C LEU B 97 -7.64 -7.36 8.35
N ASN B 98 -8.61 -6.60 8.84
CA ASN B 98 -9.85 -7.18 9.38
C ASN B 98 -11.07 -6.44 8.89
N PHE B 99 -12.08 -7.19 8.47
CA PHE B 99 -13.42 -6.66 8.23
C PHE B 99 -14.40 -7.82 8.22
N ARG C 1 -2.35 9.38 -3.44
CA ARG C 1 -1.22 8.59 -4.02
C ARG C 1 -1.57 7.12 -3.93
N VAL C 2 -0.92 6.31 -4.75
CA VAL C 2 -1.11 4.87 -4.72
C VAL C 2 0.25 4.22 -4.54
N LEU C 3 0.60 3.92 -3.29
CA LEU C 3 1.91 3.35 -3.00
C LEU C 3 1.91 1.83 -3.02
N PHE C 4 1.46 1.25 -4.13
CA PHE C 4 1.82 -0.11 -4.45
C PHE C 4 3.34 -0.17 -4.57
N GLU C 5 3.95 -1.21 -4.02
CA GLU C 5 5.38 -1.39 -4.20
C GLU C 5 5.69 -2.88 -4.24
N ALA C 6 6.52 -3.29 -5.19
CA ALA C 6 6.86 -4.69 -5.34
C ALA C 6 8.30 -4.80 -5.83
N MET C 7 9.01 -5.81 -5.32
CA MET C 7 10.44 -5.94 -5.57
C MET C 7 10.70 -7.22 -6.35
#